data_6N4E
#
_entry.id   6N4E
#
_cell.length_a   65.599
_cell.length_b   72.760
_cell.length_c   93.985
_cell.angle_alpha   90.000
_cell.angle_beta   90.000
_cell.angle_gamma   90.000
#
_symmetry.space_group_name_H-M   'C 2 2 21'
#
loop_
_entity.id
_entity.type
_entity.pdbx_description
1 polymer 'Hematopoietic prostaglandin D synthase'
2 non-polymer GLUTATHIONE
3 non-polymer 7-(difluoromethoxy)-N-[trans-4-(2-hydroxypropan-2-yl)cyclohexyl]quinoline-3-carboxamide
4 water water
#
_entity_poly.entity_id   1
_entity_poly.type   'polypeptide(L)'
_entity_poly.pdbx_seq_one_letter_code
;GMPNYKLTYFNMRGRAEIIRYIFAYLDIQYEDHRIEQADWPEIKSTLPFGKIPILEVDGLTLHQSLAIARYLTKNTDLAG
NTEMEQCHVDAIVDTLDDFMSCFPWAEKKQDVKEQMFNELLTYNAPHLMQDLDTYLGGREWLIGNSVTWADFYWEICSTT
LLVFKPDLLDNHPRLVTLRKKVQAIPAVANWIKRRPQTKL
;
_entity_poly.pdbx_strand_id   A
#
# COMPACT_ATOMS: atom_id res chain seq x y z
N MET A 2 -9.86 -9.52 -22.22
CA MET A 2 -9.15 -8.89 -21.05
C MET A 2 -10.12 -8.16 -20.12
N PRO A 3 -9.86 -8.16 -18.80
CA PRO A 3 -10.79 -7.46 -17.90
C PRO A 3 -10.70 -5.93 -18.04
N ASN A 4 -11.85 -5.28 -17.97
CA ASN A 4 -11.99 -3.82 -18.00
C ASN A 4 -12.04 -3.27 -16.57
N TYR A 5 -10.89 -2.84 -16.07
CA TYR A 5 -10.75 -2.40 -14.69
C TYR A 5 -10.95 -0.90 -14.51
N LYS A 6 -11.78 -0.52 -13.54
CA LYS A 6 -11.90 0.85 -13.08
C LYS A 6 -11.70 0.95 -11.57
N LEU A 7 -10.65 1.66 -11.18
CA LEU A 7 -10.29 1.84 -9.78
C LEU A 7 -10.83 3.19 -9.35
N THR A 8 -11.59 3.21 -8.26
CA THR A 8 -12.07 4.49 -7.73
C THR A 8 -11.49 4.73 -6.34
N TYR A 9 -10.89 5.91 -6.16
CA TYR A 9 -10.32 6.34 -4.89
C TYR A 9 -10.24 7.87 -4.87
N PHE A 10 -9.80 8.45 -3.75
CA PHE A 10 -9.45 9.85 -3.69
C PHE A 10 -8.22 10.14 -4.54
N ASN A 11 -7.94 11.43 -4.75
CA ASN A 11 -6.69 11.84 -5.44
C ASN A 11 -5.55 11.82 -4.43
N MET A 12 -5.07 10.62 -4.15
CA MET A 12 -3.95 10.38 -3.27
C MET A 12 -3.44 8.95 -3.46
N ARG A 13 -2.26 8.67 -2.94
CA ARG A 13 -1.72 7.31 -3.00
C ARG A 13 -2.57 6.46 -2.05
N GLY A 14 -2.51 6.77 -0.77
CA GLY A 14 -3.30 6.11 0.25
C GLY A 14 -3.44 4.61 0.08
N ARG A 15 -4.67 4.15 0.27
CA ARG A 15 -4.98 2.72 0.23
C ARG A 15 -5.08 2.15 -1.18
N ALA A 16 -5.19 2.99 -2.19
CA ALA A 16 -5.27 2.51 -3.58
C ALA A 16 -3.90 2.20 -4.18
N GLU A 17 -2.85 2.75 -3.62
CA GLU A 17 -1.54 2.68 -4.28
C GLU A 17 -1.01 1.26 -4.48
N ILE A 18 -1.32 0.35 -3.56
CA ILE A 18 -0.88 -1.04 -3.71
C ILE A 18 -1.46 -1.63 -4.99
N ILE A 19 -2.72 -1.33 -5.26
CA ILE A 19 -3.40 -1.80 -6.46
C ILE A 19 -2.76 -1.17 -7.69
N ARG A 20 -2.45 0.12 -7.61
CA ARG A 20 -1.79 0.81 -8.72
C ARG A 20 -0.41 0.23 -9.04
N TYR A 21 0.36 -0.16 -8.02
CA TYR A 21 1.68 -0.79 -8.23
C TYR A 21 1.53 -2.14 -8.89
N ILE A 22 0.54 -2.92 -8.46
CA ILE A 22 0.30 -4.23 -9.02
C ILE A 22 -0.08 -4.13 -10.52
N PHE A 23 -1.00 -3.23 -10.86
CA PHE A 23 -1.35 -2.99 -12.27
C PHE A 23 -0.13 -2.58 -13.09
N ALA A 24 0.72 -1.71 -12.52
CA ALA A 24 1.97 -1.29 -13.20
C ALA A 24 2.92 -2.47 -13.47
N TYR A 25 3.15 -3.29 -12.45
CA TYR A 25 4.07 -4.42 -12.55
C TYR A 25 3.59 -5.47 -13.56
N LEU A 26 2.29 -5.73 -13.56
CA LEU A 26 1.70 -6.71 -14.45
C LEU A 26 1.35 -6.14 -15.84
N ASP A 27 1.63 -4.86 -16.05
CA ASP A 27 1.42 -4.17 -17.33
C ASP A 27 -0.05 -4.20 -17.75
N ILE A 28 -0.93 -3.92 -16.78
CA ILE A 28 -2.38 -3.96 -16.97
C ILE A 28 -2.88 -2.52 -17.07
N GLN A 29 -3.53 -2.19 -18.19
CA GLN A 29 -4.17 -0.89 -18.37
C GLN A 29 -5.47 -0.86 -17.56
N TYR A 30 -5.77 0.30 -16.99
CA TYR A 30 -6.95 0.46 -16.16
C TYR A 30 -7.31 1.92 -16.08
N GLU A 31 -8.54 2.21 -15.70
CA GLU A 31 -8.97 3.57 -15.42
C GLU A 31 -8.69 3.92 -13.97
N ASP A 32 -7.87 4.94 -13.76
CA ASP A 32 -7.50 5.39 -12.42
C ASP A 32 -8.37 6.57 -12.03
N HIS A 33 -9.62 6.27 -11.65
CA HIS A 33 -10.60 7.32 -11.38
C HIS A 33 -10.38 7.88 -10.00
N ARG A 34 -10.13 9.18 -9.93
CA ARG A 34 -9.84 9.88 -8.70
C ARG A 34 -10.94 10.90 -8.44
N ILE A 35 -11.57 10.80 -7.28
CA ILE A 35 -12.72 11.67 -6.97
C ILE A 35 -12.30 12.86 -6.12
N GLU A 36 -12.99 13.99 -6.30
CA GLU A 36 -12.85 15.14 -5.43
C GLU A 36 -13.72 14.93 -4.20
N GLN A 37 -13.26 15.47 -3.06
CA GLN A 37 -14.02 15.39 -1.81
C GLN A 37 -15.49 15.80 -1.97
N ALA A 38 -15.76 16.82 -2.78
CA ALA A 38 -17.12 17.31 -3.02
C ALA A 38 -18.08 16.26 -3.58
N ASP A 39 -17.59 15.35 -4.42
CA ASP A 39 -18.41 14.30 -5.01
C ASP A 39 -18.59 13.05 -4.14
N TRP A 40 -17.88 12.99 -3.01
CA TRP A 40 -17.81 11.78 -2.21
C TRP A 40 -19.16 11.39 -1.54
N PRO A 41 -19.85 12.35 -0.87
CA PRO A 41 -21.17 12.05 -0.31
C PRO A 41 -22.14 11.31 -1.24
N GLU A 42 -22.29 11.79 -2.47
CA GLU A 42 -23.14 11.12 -3.48
C GLU A 42 -22.67 9.70 -3.74
N ILE A 43 -21.39 9.55 -4.05
CA ILE A 43 -20.81 8.24 -4.41
C ILE A 43 -20.90 7.27 -3.24
N LYS A 44 -20.59 7.74 -2.03
CA LYS A 44 -20.57 6.92 -0.82
C LYS A 44 -21.89 6.18 -0.58
N SER A 45 -22.99 6.90 -0.78
CA SER A 45 -24.32 6.33 -0.59
C SER A 45 -24.70 5.22 -1.59
N THR A 46 -23.96 5.09 -2.70
CA THR A 46 -24.21 4.03 -3.69
C THR A 46 -23.40 2.75 -3.44
N LEU A 47 -22.47 2.77 -2.48
CA LEU A 47 -21.55 1.64 -2.26
C LEU A 47 -22.05 0.74 -1.14
N PRO A 48 -22.05 -0.59 -1.36
CA PRO A 48 -22.46 -1.52 -0.31
C PRO A 48 -21.88 -1.28 1.09
N PHE A 49 -20.60 -0.90 1.21
CA PHE A 49 -20.01 -0.61 2.53
C PHE A 49 -19.52 0.82 2.78
N GLY A 50 -19.78 1.72 1.84
CA GLY A 50 -19.54 3.15 2.00
C GLY A 50 -18.09 3.57 2.10
N LYS A 51 -17.19 2.73 1.56
CA LYS A 51 -15.75 2.96 1.61
C LYS A 51 -15.08 2.77 0.25
N ILE A 52 -13.99 3.49 0.06
CA ILE A 52 -13.11 3.32 -1.09
C ILE A 52 -11.68 3.01 -0.61
N PRO A 53 -10.85 2.33 -1.40
CA PRO A 53 -11.05 2.06 -2.82
C PRO A 53 -12.06 0.97 -3.16
N ILE A 54 -12.59 1.05 -4.38
CA ILE A 54 -13.32 -0.03 -5.00
C ILE A 54 -12.71 -0.26 -6.36
N LEU A 55 -12.84 -1.49 -6.86
CA LEU A 55 -12.39 -1.85 -8.19
C LEU A 55 -13.56 -2.47 -8.92
N GLU A 56 -13.95 -1.86 -10.03
CA GLU A 56 -15.02 -2.40 -10.88
C GLU A 56 -14.33 -3.24 -11.95
N VAL A 57 -14.76 -4.49 -12.05
CA VAL A 57 -14.19 -5.47 -12.97
C VAL A 57 -15.34 -5.88 -13.86
N ASP A 58 -15.31 -5.40 -15.10
CA ASP A 58 -16.40 -5.62 -16.05
C ASP A 58 -17.77 -5.27 -15.39
N GLY A 59 -17.81 -4.08 -14.77
CA GLY A 59 -19.01 -3.55 -14.13
C GLY A 59 -19.35 -4.04 -12.72
N LEU A 60 -18.70 -5.10 -12.25
CA LEU A 60 -18.98 -5.70 -10.94
CA LEU A 60 -18.99 -5.69 -10.94
C LEU A 60 -18.02 -5.10 -9.92
N THR A 61 -18.52 -4.75 -8.74
CA THR A 61 -17.77 -3.95 -7.76
C THR A 61 -17.08 -4.77 -6.66
N LEU A 62 -15.76 -4.74 -6.62
CA LEU A 62 -14.97 -5.33 -5.54
C LEU A 62 -14.57 -4.22 -4.57
N HIS A 63 -14.50 -4.57 -3.29
CA HIS A 63 -14.03 -3.63 -2.28
C HIS A 63 -12.94 -4.26 -1.39
N GLN A 64 -12.35 -3.41 -0.53
CA GLN A 64 -11.26 -3.75 0.40
C GLN A 64 -9.92 -3.86 -0.31
N SER A 65 -9.06 -2.86 -0.08
CA SER A 65 -7.81 -2.69 -0.86
C SER A 65 -6.96 -3.95 -0.91
N LEU A 66 -6.78 -4.61 0.22
CA LEU A 66 -5.92 -5.81 0.30
C LEU A 66 -6.57 -7.05 -0.28
N ALA A 67 -7.90 -7.16 -0.17
CA ALA A 67 -8.65 -8.24 -0.84
C ALA A 67 -8.47 -8.14 -2.36
N ILE A 68 -8.56 -6.92 -2.85
CA ILE A 68 -8.39 -6.64 -4.28
C ILE A 68 -6.97 -6.94 -4.71
N ALA A 69 -5.98 -6.43 -3.95
CA ALA A 69 -4.58 -6.68 -4.25
C ALA A 69 -4.29 -8.19 -4.32
N ARG A 70 -4.84 -8.95 -3.39
CA ARG A 70 -4.60 -10.39 -3.36
C ARG A 70 -5.22 -11.07 -4.58
N TYR A 71 -6.41 -10.63 -4.95
CA TYR A 71 -7.11 -11.12 -6.15
C TYR A 71 -6.29 -10.91 -7.43
N LEU A 72 -5.74 -9.72 -7.58
CA LEU A 72 -4.96 -9.36 -8.77
C LEU A 72 -3.62 -10.08 -8.86
N THR A 73 -3.08 -10.52 -7.71
CA THR A 73 -1.77 -11.18 -7.71
C THR A 73 -1.86 -12.72 -7.78
N LYS A 74 -3.05 -13.30 -7.67
CA LYS A 74 -3.20 -14.76 -7.77
C LYS A 74 -2.72 -15.25 -9.13
N ASN A 75 -2.00 -16.38 -9.13
CA ASN A 75 -1.39 -16.96 -10.33
C ASN A 75 -0.39 -16.03 -11.03
N THR A 76 0.26 -15.16 -10.27
CA THR A 76 1.33 -14.30 -10.78
C THR A 76 2.55 -14.52 -9.90
N ASP A 77 3.68 -13.96 -10.33
CA ASP A 77 4.95 -14.02 -9.59
CA ASP A 77 4.93 -14.07 -9.55
C ASP A 77 4.98 -13.14 -8.33
N LEU A 78 3.97 -12.28 -8.14
CA LEU A 78 3.90 -11.44 -6.94
C LEU A 78 3.26 -12.13 -5.73
N ALA A 79 2.62 -13.28 -5.95
CA ALA A 79 1.82 -13.95 -4.92
C ALA A 79 2.61 -14.55 -3.76
N GLY A 80 3.82 -15.02 -4.05
CA GLY A 80 4.54 -15.92 -3.16
C GLY A 80 4.65 -17.27 -3.85
N ASN A 81 5.80 -17.93 -3.67
CA ASN A 81 6.16 -19.10 -4.48
C ASN A 81 5.64 -20.44 -3.95
N THR A 82 5.40 -20.54 -2.64
CA THR A 82 4.78 -21.71 -2.01
C THR A 82 3.55 -21.27 -1.23
N GLU A 83 2.71 -22.23 -0.82
CA GLU A 83 1.51 -21.93 -0.06
C GLU A 83 1.83 -21.29 1.30
N MET A 84 2.90 -21.74 1.94
CA MET A 84 3.29 -21.13 3.21
C MET A 84 3.90 -19.74 3.03
N GLU A 85 4.67 -19.54 1.97
CA GLU A 85 5.19 -18.21 1.67
C GLU A 85 4.06 -17.24 1.32
N GLN A 86 2.99 -17.72 0.66
CA GLN A 86 1.79 -16.91 0.46
C GLN A 86 1.13 -16.50 1.79
N CYS A 87 1.16 -17.39 2.79
CA CYS A 87 0.75 -17.04 4.13
C CYS A 87 1.68 -15.97 4.72
N HIS A 88 2.99 -16.12 4.56
CA HIS A 88 3.92 -15.09 5.05
C HIS A 88 3.71 -13.71 4.41
N VAL A 89 3.41 -13.70 3.12
CA VAL A 89 3.09 -12.47 2.38
C VAL A 89 1.89 -11.81 3.04
N ASP A 90 0.83 -12.60 3.20
CA ASP A 90 -0.40 -12.08 3.83
C ASP A 90 -0.17 -11.52 5.23
N ALA A 91 0.66 -12.21 6.00
CA ALA A 91 0.92 -11.83 7.38
C ALA A 91 1.71 -10.53 7.47
N ILE A 92 2.71 -10.36 6.62
CA ILE A 92 3.47 -9.09 6.62
C ILE A 92 2.59 -7.91 6.19
N VAL A 93 1.81 -8.12 5.13
CA VAL A 93 0.89 -7.10 4.67
C VAL A 93 -0.05 -6.70 5.82
N ASP A 94 -0.63 -7.68 6.52
CA ASP A 94 -1.55 -7.35 7.62
C ASP A 94 -0.83 -6.66 8.79
N THR A 95 0.42 -7.02 9.04
CA THR A 95 1.19 -6.37 10.11
C THR A 95 1.39 -4.88 9.79
N LEU A 96 1.75 -4.60 8.54
CA LEU A 96 1.88 -3.23 8.07
C LEU A 96 0.55 -2.50 8.12
N ASP A 97 -0.49 -3.16 7.59
CA ASP A 97 -1.81 -2.54 7.54
C ASP A 97 -2.39 -2.25 8.93
N ASP A 98 -2.17 -3.16 9.88
CA ASP A 98 -2.59 -2.93 11.27
C ASP A 98 -2.05 -1.60 11.81
N PHE A 99 -0.78 -1.32 11.52
CA PHE A 99 -0.16 -0.13 12.04
C PHE A 99 -0.68 1.12 11.34
N MET A 100 -0.76 1.08 10.01
CA MET A 100 -1.25 2.22 9.25
C MET A 100 -2.71 2.56 9.66
N SER A 101 -3.46 1.51 9.98
CA SER A 101 -4.86 1.66 10.39
C SER A 101 -5.05 2.28 11.78
N CYS A 102 -4.00 2.34 12.58
CA CYS A 102 -4.01 3.03 13.87
C CYS A 102 -4.05 4.56 13.77
N PHE A 103 -3.60 5.12 12.64
CA PHE A 103 -3.52 6.57 12.51
C PHE A 103 -4.90 7.17 12.28
N PRO A 104 -5.24 8.26 12.98
CA PRO A 104 -6.53 8.93 12.78
C PRO A 104 -6.51 9.82 11.53
N TRP A 105 -6.56 9.18 10.37
CA TRP A 105 -6.44 9.87 9.07
C TRP A 105 -7.58 10.88 8.87
N ALA A 106 -8.78 10.50 9.31
CA ALA A 106 -9.99 11.31 9.12
C ALA A 106 -10.34 12.31 10.24
N GLU A 107 -9.53 12.35 11.30
CA GLU A 107 -9.79 13.20 12.46
C GLU A 107 -9.77 14.69 12.08
N LYS A 108 -10.78 15.44 12.54
CA LYS A 108 -10.95 16.85 12.15
C LYS A 108 -10.20 17.85 13.03
N LYS A 109 -10.14 17.60 14.33
CA LYS A 109 -9.38 18.45 15.27
C LYS A 109 -7.87 18.25 15.06
N GLN A 110 -7.20 19.25 14.49
CA GLN A 110 -5.76 19.16 14.18
C GLN A 110 -4.86 18.98 15.40
N ASP A 111 -5.29 19.50 16.54
CA ASP A 111 -4.51 19.41 17.79
C ASP A 111 -4.38 17.96 18.25
N VAL A 112 -5.52 17.30 18.44
CA VAL A 112 -5.53 15.89 18.85
C VAL A 112 -4.99 14.94 17.77
N LYS A 113 -5.20 15.30 16.50
CA LYS A 113 -4.70 14.52 15.37
C LYS A 113 -3.18 14.57 15.28
N GLU A 114 -2.61 15.76 15.39
CA GLU A 114 -1.15 15.93 15.37
C GLU A 114 -0.50 15.23 16.57
N GLN A 115 -1.14 15.33 17.73
CA GLN A 115 -0.67 14.67 18.96
C GLN A 115 -0.68 13.16 18.83
N MET A 116 -1.75 12.61 18.26
CA MET A 116 -1.86 11.17 18.05
C MET A 116 -0.91 10.66 16.97
N PHE A 117 -0.69 11.45 15.92
CA PHE A 117 0.30 11.08 14.89
C PHE A 117 1.69 11.01 15.49
N ASN A 118 2.05 12.05 16.25
CA ASN A 118 3.36 12.12 16.88
C ASN A 118 3.57 11.06 17.96
N GLU A 119 2.52 10.65 18.68
CA GLU A 119 2.62 9.52 19.61
C GLU A 119 2.93 8.20 18.87
N LEU A 120 2.13 7.88 17.86
CA LEU A 120 2.33 6.67 17.05
C LEU A 120 3.71 6.64 16.39
N LEU A 121 4.12 7.77 15.81
CA LEU A 121 5.40 7.84 15.13
C LEU A 121 6.61 7.80 16.09
N THR A 122 6.46 8.37 17.28
CA THR A 122 7.54 8.41 18.26
C THR A 122 7.67 7.08 19.01
N TYR A 123 6.55 6.50 19.44
CA TYR A 123 6.59 5.35 20.37
C TYR A 123 6.38 3.99 19.71
N ASN A 124 5.47 3.91 18.73
CA ASN A 124 5.10 2.63 18.11
C ASN A 124 5.92 2.33 16.85
N ALA A 125 6.16 3.36 16.03
CA ALA A 125 6.81 3.14 14.73
C ALA A 125 8.23 2.54 14.83
N PRO A 126 9.08 3.07 15.72
CA PRO A 126 10.45 2.50 15.86
C PRO A 126 10.48 1.02 16.24
N HIS A 127 9.53 0.61 17.06
CA HIS A 127 9.40 -0.78 17.47
C HIS A 127 9.07 -1.66 16.27
N LEU A 128 8.10 -1.24 15.46
CA LEU A 128 7.74 -2.00 14.26
C LEU A 128 8.89 -2.05 13.25
N MET A 129 9.56 -0.92 13.06
CA MET A 129 10.68 -0.86 12.13
C MET A 129 11.75 -1.88 12.56
N GLN A 130 12.02 -1.94 13.86
CA GLN A 130 13.01 -2.89 14.37
C GLN A 130 12.57 -4.35 14.15
N ASP A 131 11.30 -4.65 14.44
CA ASP A 131 10.81 -6.00 14.15
C ASP A 131 10.90 -6.36 12.67
N LEU A 132 10.59 -5.41 11.78
CA LEU A 132 10.67 -5.67 10.33
C LEU A 132 12.11 -5.90 9.90
N ASP A 133 13.01 -5.09 10.43
CA ASP A 133 14.44 -5.20 10.12
C ASP A 133 15.00 -6.54 10.56
N THR A 134 14.63 -6.99 11.77
CA THR A 134 15.06 -8.30 12.27
C THR A 134 14.47 -9.44 11.44
N TYR A 135 13.19 -9.32 11.08
CA TYR A 135 12.53 -10.29 10.19
C TYR A 135 13.21 -10.43 8.83
N LEU A 136 13.56 -9.29 8.25
CA LEU A 136 14.24 -9.28 6.96
C LEU A 136 15.62 -9.90 7.06
N GLY A 137 16.33 -9.58 8.16
CA GLY A 137 17.72 -9.99 8.33
C GLY A 137 18.54 -9.65 7.10
N GLY A 138 19.28 -10.64 6.60
CA GLY A 138 20.12 -10.47 5.42
C GLY A 138 19.50 -10.90 4.11
N ARG A 139 18.18 -11.13 4.08
CA ARG A 139 17.56 -11.58 2.83
C ARG A 139 17.33 -10.41 1.87
N GLU A 140 17.18 -10.76 0.60
CA GLU A 140 17.03 -9.78 -0.46
C GLU A 140 15.64 -9.14 -0.37
N TRP A 141 14.63 -9.98 -0.22
CA TRP A 141 13.23 -9.56 -0.15
C TRP A 141 12.59 -10.06 1.13
N LEU A 142 11.43 -9.53 1.51
CA LEU A 142 10.79 -9.90 2.78
C LEU A 142 10.38 -11.38 2.84
N ILE A 143 9.90 -11.93 1.74
CA ILE A 143 9.45 -13.32 1.68
C ILE A 143 10.07 -14.04 0.49
N GLY A 144 10.62 -15.23 0.73
CA GLY A 144 11.11 -16.07 -0.35
C GLY A 144 12.34 -15.48 -1.03
N ASN A 145 12.54 -15.85 -2.29
CA ASN A 145 13.77 -15.47 -3.02
C ASN A 145 13.49 -14.45 -4.12
N SER A 146 12.27 -13.89 -4.17
CA SER A 146 11.91 -12.92 -5.21
C SER A 146 10.87 -11.90 -4.67
N VAL A 147 10.72 -10.79 -5.38
CA VAL A 147 9.80 -9.73 -4.98
C VAL A 147 8.35 -10.23 -4.91
N THR A 148 7.64 -9.78 -3.89
CA THR A 148 6.19 -10.04 -3.75
C THR A 148 5.51 -8.72 -3.48
N TRP A 149 4.19 -8.75 -3.49
CA TRP A 149 3.45 -7.54 -3.18
C TRP A 149 3.60 -7.08 -1.72
N ALA A 150 4.10 -7.93 -0.83
CA ALA A 150 4.52 -7.49 0.53
C ALA A 150 5.63 -6.46 0.49
N ASP A 151 6.60 -6.67 -0.40
CA ASP A 151 7.67 -5.66 -0.62
C ASP A 151 7.09 -4.35 -1.15
N PHE A 152 6.14 -4.44 -2.09
CA PHE A 152 5.44 -3.24 -2.57
C PHE A 152 4.78 -2.51 -1.43
N TYR A 153 4.07 -3.23 -0.56
CA TYR A 153 3.34 -2.58 0.51
C TYR A 153 4.28 -1.97 1.54
N TRP A 154 5.41 -2.63 1.79
CA TRP A 154 6.44 -2.02 2.65
C TRP A 154 6.85 -0.64 2.11
N GLU A 155 7.18 -0.59 0.84
CA GLU A 155 7.62 0.66 0.22
C GLU A 155 6.53 1.77 0.28
N ILE A 156 5.28 1.40 -0.01
CA ILE A 156 4.15 2.31 0.04
C ILE A 156 3.93 2.86 1.45
N CYS A 157 3.85 1.96 2.42
CA CYS A 157 3.60 2.36 3.78
C CYS A 157 4.77 3.21 4.32
N SER A 158 6.00 2.80 4.05
CA SER A 158 7.16 3.55 4.56
C SER A 158 7.27 4.93 3.89
N THR A 159 6.89 5.02 2.61
CA THR A 159 6.88 6.29 1.90
C THR A 159 6.01 7.29 2.65
N THR A 160 4.80 6.88 3.04
CA THR A 160 3.93 7.77 3.79
C THR A 160 4.43 8.07 5.21
N LEU A 161 4.96 7.08 5.91
CA LEU A 161 5.49 7.35 7.26
C LEU A 161 6.65 8.35 7.23
N LEU A 162 7.48 8.27 6.19
CA LEU A 162 8.63 9.18 6.06
C LEU A 162 8.24 10.64 5.83
N VAL A 163 7.05 10.89 5.31
CA VAL A 163 6.52 12.25 5.18
C VAL A 163 6.43 12.92 6.55
N PHE A 164 5.94 12.17 7.53
CA PHE A 164 5.76 12.69 8.89
C PHE A 164 6.98 12.54 9.77
N LYS A 165 7.81 11.52 9.52
CA LYS A 165 8.99 11.23 10.34
C LYS A 165 10.17 10.90 9.42
N PRO A 166 10.85 11.93 8.89
CA PRO A 166 11.95 11.71 7.94
C PRO A 166 13.13 10.86 8.44
N ASP A 167 13.34 10.81 9.76
CA ASP A 167 14.42 10.01 10.35
C ASP A 167 14.04 8.55 10.64
N LEU A 168 12.83 8.13 10.24
CA LEU A 168 12.30 6.79 10.55
C LEU A 168 13.26 5.63 10.34
N LEU A 169 14.00 5.66 9.21
CA LEU A 169 14.87 4.54 8.82
C LEU A 169 16.36 4.82 8.96
N ASP A 170 16.73 5.87 9.70
CA ASP A 170 18.17 6.18 9.95
C ASP A 170 18.96 5.04 10.58
N ASN A 171 18.31 4.26 11.44
CA ASN A 171 18.93 3.10 12.06
C ASN A 171 18.66 1.78 11.32
N HIS A 172 18.13 1.83 10.09
CA HIS A 172 17.72 0.63 9.36
C HIS A 172 18.14 0.66 7.90
N PRO A 173 19.46 0.67 7.63
CA PRO A 173 19.91 0.70 6.24
C PRO A 173 19.38 -0.44 5.36
N ARG A 174 19.13 -1.61 5.95
CA ARG A 174 18.63 -2.75 5.20
C ARG A 174 17.20 -2.55 4.68
N LEU A 175 16.41 -1.80 5.45
CA LEU A 175 15.05 -1.44 5.06
C LEU A 175 15.05 -0.33 4.00
N VAL A 176 16.01 0.58 4.08
CA VAL A 176 16.22 1.59 3.05
C VAL A 176 16.58 0.89 1.73
N THR A 177 17.51 -0.05 1.78
CA THR A 177 17.88 -0.81 0.60
C THR A 177 16.68 -1.51 -0.03
N LEU A 178 15.84 -2.12 0.80
CA LEU A 178 14.64 -2.76 0.26
C LEU A 178 13.71 -1.76 -0.46
N ARG A 179 13.51 -0.58 0.11
CA ARG A 179 12.75 0.49 -0.57
C ARG A 179 13.34 0.80 -1.93
N LYS A 180 14.66 1.01 -1.97
CA LYS A 180 15.32 1.39 -3.23
C LYS A 180 15.20 0.29 -4.28
N LYS A 181 15.26 -0.97 -3.86
CA LYS A 181 15.11 -2.09 -4.79
C LYS A 181 13.71 -2.15 -5.41
N VAL A 182 12.69 -1.92 -4.59
CA VAL A 182 11.31 -1.83 -5.12
C VAL A 182 11.18 -0.65 -6.07
N GLN A 183 11.70 0.50 -5.67
CA GLN A 183 11.61 1.72 -6.48
C GLN A 183 12.37 1.59 -7.80
N ALA A 184 13.35 0.69 -7.88
CA ALA A 184 14.15 0.49 -9.09
C ALA A 184 13.59 -0.53 -10.08
N ILE A 185 12.62 -1.35 -9.65
CA ILE A 185 11.95 -2.29 -10.57
C ILE A 185 11.37 -1.46 -11.73
N PRO A 186 11.75 -1.77 -13.00
CA PRO A 186 11.39 -0.88 -14.12
C PRO A 186 9.92 -0.40 -14.19
N ALA A 187 8.96 -1.32 -14.12
CA ALA A 187 7.54 -0.96 -14.15
C ALA A 187 7.11 -0.08 -12.96
N VAL A 188 7.69 -0.33 -11.79
CA VAL A 188 7.39 0.49 -10.62
C VAL A 188 8.02 1.87 -10.76
N ALA A 189 9.27 1.92 -11.19
CA ALA A 189 9.96 3.21 -11.39
C ALA A 189 9.22 4.07 -12.40
N ASN A 190 8.72 3.41 -13.45
CA ASN A 190 8.00 4.07 -14.53
C ASN A 190 6.67 4.66 -14.00
N TRP A 191 6.02 3.96 -13.07
CA TRP A 191 4.81 4.49 -12.42
C TRP A 191 5.11 5.66 -11.48
N ILE A 192 6.18 5.52 -10.67
CA ILE A 192 6.56 6.55 -9.71
C ILE A 192 6.89 7.88 -10.43
N LYS A 193 7.48 7.80 -11.60
CA LYS A 193 7.84 9.02 -12.34
C LYS A 193 6.69 9.71 -13.08
N ARG A 194 5.56 9.03 -13.28
CA ARG A 194 4.41 9.64 -13.93
C ARG A 194 3.18 9.84 -13.04
N ARG A 195 3.14 9.22 -11.85
CA ARG A 195 1.96 9.36 -11.01
C ARG A 195 1.69 10.80 -10.55
N PRO A 196 0.42 11.14 -10.31
CA PRO A 196 0.12 12.42 -9.67
C PRO A 196 0.87 12.59 -8.35
N GLN A 197 1.36 13.79 -8.11
CA GLN A 197 2.13 14.10 -6.92
C GLN A 197 1.22 14.66 -5.83
N THR A 198 1.02 13.85 -4.80
CA THR A 198 0.14 14.20 -3.68
C THR A 198 0.93 13.97 -2.39
N LYS A 199 0.57 14.68 -1.33
CA LYS A 199 1.27 14.51 -0.03
C LYS A 199 1.16 13.09 0.47
N LEU A 200 -0.08 12.60 0.50
CA LEU A 200 -0.41 11.25 0.98
C LEU A 200 -0.87 10.32 -0.14
#